data_2X63
#
_entry.id   2X63
#
_cell.length_a   116.190
_cell.length_b   116.190
_cell.length_c   46.951
_cell.angle_alpha   90.00
_cell.angle_beta   90.00
_cell.angle_gamma   90.00
#
_symmetry.space_group_name_H-M   'I 4'
#
loop_
_entity.id
_entity.type
_entity.pdbx_description
1 polymer ALPHA-2,3-/2,8-SIALYLTRANSFERASE
2 non-polymer 1,2-ETHANEDIOL
3 non-polymer "CYTIDINE-5'-MONOPHOSPHATE"
4 water water
#
_entity_poly.entity_id   1
_entity_poly.type   'polypeptide(L)'
_entity_poly.pdbx_seq_one_letter_code
;KKVIIAGNGPSLKEIDYSRLPNDFDVFRCNQFYFEDKYYLGKKCKAVFYAPSLFFEQYYTLKHLIQNQEYETELIMCSNY
NQAHLENENFVKTFYDYFPDAHLGYDFFKQLKDFNAYFKFHEIYFNQRITSGVYMCAVAIALGYKEIYLSGIDFYQNGSS
YAFDTKQKNLLKLAPNFKNDNSHYIGHSKNTDIKALEFLEKTYKIKLYCLCPNSLLANFIGLAPNLNSNFIIQEKNNYTK
DILIPSSEAYGKFSKNIN
;
_entity_poly.pdbx_strand_id   A
#
# COMPACT_ATOMS: atom_id res chain seq x y z
N LYS A 1 18.57 -0.41 -6.53
CA LYS A 1 17.82 0.87 -6.64
C LYS A 1 17.24 1.32 -5.30
N LYS A 2 16.89 2.58 -5.21
CA LYS A 2 16.17 3.11 -4.06
C LYS A 2 14.69 2.95 -4.32
N VAL A 3 13.89 2.84 -3.27
CA VAL A 3 12.47 2.71 -3.45
C VAL A 3 11.67 3.77 -2.72
N ILE A 4 10.63 4.27 -3.38
CA ILE A 4 9.70 5.18 -2.76
C ILE A 4 8.43 4.41 -2.42
N ILE A 5 8.13 4.39 -1.13
CA ILE A 5 6.95 3.68 -0.65
C ILE A 5 5.91 4.70 -0.24
N ALA A 6 4.73 4.63 -0.86
CA ALA A 6 3.73 5.65 -0.67
C ALA A 6 2.46 5.11 -0.03
N GLY A 7 2.12 5.63 1.14
CA GLY A 7 0.80 5.45 1.68
C GLY A 7 -0.12 6.40 0.94
N ASN A 8 -1.38 6.45 1.34
CA ASN A 8 -2.33 7.36 0.71
C ASN A 8 -2.85 8.46 1.64
N GLY A 9 -2.06 8.77 2.66
CA GLY A 9 -2.35 9.90 3.54
C GLY A 9 -2.18 11.26 2.84
N PRO A 10 -2.63 12.34 3.50
CA PRO A 10 -2.61 13.69 2.93
C PRO A 10 -1.21 14.13 2.50
N SER A 11 -0.18 13.64 3.17
CA SER A 11 1.17 14.07 2.84
C SER A 11 1.61 13.60 1.44
N LEU A 12 0.83 12.70 0.84
CA LEU A 12 1.08 12.31 -0.55
C LEU A 12 1.07 13.54 -1.45
N LYS A 13 0.33 14.57 -1.01
CA LYS A 13 0.17 15.79 -1.77
C LYS A 13 1.13 16.89 -1.35
N GLU A 14 2.02 16.57 -0.42
CA GLU A 14 2.96 17.56 0.08
C GLU A 14 4.38 16.99 0.13
N ILE A 15 4.71 16.17 -0.87
CA ILE A 15 6.06 15.71 -1.03
C ILE A 15 6.97 16.89 -1.31
N ASP A 16 8.13 16.92 -0.69
CA ASP A 16 9.14 17.92 -1.05
C ASP A 16 10.01 17.35 -2.18
N TYR A 17 9.63 17.67 -3.42
CA TYR A 17 10.21 17.04 -4.60
C TYR A 17 11.70 17.35 -4.82
N SER A 18 12.20 18.39 -4.18
CA SER A 18 13.62 18.68 -4.28
C SER A 18 14.43 17.58 -3.58
N ARG A 19 13.73 16.73 -2.84
CA ARG A 19 14.37 15.64 -2.09
C ARG A 19 14.16 14.28 -2.76
N LEU A 20 13.46 14.27 -3.88
CA LEU A 20 13.19 13.03 -4.59
C LEU A 20 14.52 12.48 -5.08
N PRO A 21 14.81 11.20 -4.79
CA PRO A 21 16.10 10.61 -5.23
C PRO A 21 16.18 10.57 -6.75
N ASN A 22 17.37 10.39 -7.30
CA ASN A 22 17.55 10.45 -8.75
C ASN A 22 16.98 9.24 -9.50
N ASP A 23 17.20 8.05 -8.95
CA ASP A 23 16.82 6.82 -9.63
C ASP A 23 16.13 5.90 -8.62
N PHE A 24 14.80 5.77 -8.75
CA PHE A 24 13.99 5.05 -7.77
C PHE A 24 12.89 4.19 -8.41
N ASP A 25 12.41 3.21 -7.64
CA ASP A 25 11.22 2.43 -7.98
C ASP A 25 10.09 2.92 -7.07
N VAL A 26 8.84 2.76 -7.51
CA VAL A 26 7.71 3.25 -6.73
C VAL A 26 6.76 2.12 -6.32
N PHE A 27 6.39 2.09 -5.04
CA PHE A 27 5.43 1.12 -4.51
C PHE A 27 4.16 1.86 -4.13
N ARG A 28 3.03 1.41 -4.64
CA ARG A 28 1.74 2.04 -4.35
C ARG A 28 0.84 0.94 -3.79
N CYS A 29 -0.23 1.33 -3.11
CA CYS A 29 -1.13 0.33 -2.55
C CYS A 29 -2.58 0.77 -2.63
N ASN A 30 -3.48 -0.21 -2.63
CA ASN A 30 -4.90 0.02 -2.39
C ASN A 30 -5.57 1.02 -3.34
N GLN A 31 -6.19 2.07 -2.83
CA GLN A 31 -6.89 3.05 -3.69
C GLN A 31 -5.97 4.16 -4.21
N PHE A 32 -4.70 3.84 -4.43
CA PHE A 32 -3.73 4.84 -4.86
C PHE A 32 -4.22 5.59 -6.10
N TYR A 33 -4.90 4.88 -6.99
CA TYR A 33 -5.35 5.45 -8.26
C TYR A 33 -6.47 6.50 -8.13
N PHE A 34 -7.08 6.61 -6.95
CA PHE A 34 -8.04 7.69 -6.67
C PHE A 34 -7.36 9.07 -6.68
N GLU A 35 -6.02 9.10 -6.63
CA GLU A 35 -5.30 10.38 -6.61
C GLU A 35 -5.66 11.28 -7.79
N ASP A 36 -5.78 12.59 -7.56
CA ASP A 36 -6.21 13.51 -8.62
C ASP A 36 -5.07 13.94 -9.56
N LYS A 37 -3.82 13.70 -9.15
CA LYS A 37 -2.64 14.01 -9.98
C LYS A 37 -1.62 12.90 -9.80
N TYR A 38 -0.68 12.78 -10.73
CA TYR A 38 0.33 11.73 -10.62
C TYR A 38 1.44 12.15 -9.65
N TYR A 39 1.11 12.22 -8.37
CA TYR A 39 2.06 12.69 -7.37
C TYR A 39 3.39 11.94 -7.38
N LEU A 40 3.42 10.72 -7.90
CA LEU A 40 4.67 9.95 -8.01
C LEU A 40 4.88 9.32 -9.39
N GLY A 41 4.24 9.89 -10.41
CA GLY A 41 4.37 9.36 -11.76
C GLY A 41 3.43 8.19 -11.98
N LYS A 42 3.29 7.77 -13.22
CA LYS A 42 2.35 6.71 -13.54
C LYS A 42 3.00 5.33 -13.56
N LYS A 43 4.32 5.30 -13.40
CA LYS A 43 5.06 4.05 -13.42
C LYS A 43 5.34 3.50 -12.02
N CYS A 44 4.80 2.32 -11.72
CA CYS A 44 5.02 1.65 -10.45
C CYS A 44 5.88 0.42 -10.61
N LYS A 45 6.77 0.19 -9.66
CA LYS A 45 7.50 -1.06 -9.62
C LYS A 45 6.56 -2.16 -9.10
N ALA A 46 5.79 -1.83 -8.07
CA ALA A 46 4.80 -2.76 -7.52
C ALA A 46 3.58 -2.03 -7.01
N VAL A 47 2.43 -2.71 -7.12
CA VAL A 47 1.21 -2.26 -6.50
C VAL A 47 0.75 -3.37 -5.55
N PHE A 48 0.28 -2.96 -4.37
CA PHE A 48 -0.10 -3.89 -3.32
C PHE A 48 -1.58 -3.73 -3.05
N TYR A 49 -2.31 -4.83 -3.01
CA TYR A 49 -3.72 -4.80 -2.63
C TYR A 49 -4.02 -5.74 -1.46
N ALA A 50 -4.84 -5.27 -0.52
CA ALA A 50 -5.29 -6.07 0.59
C ALA A 50 -6.05 -7.29 0.08
N PRO A 51 -6.08 -8.37 0.86
CA PRO A 51 -6.84 -9.53 0.40
C PRO A 51 -8.33 -9.23 0.20
N SER A 52 -8.92 -8.41 1.06
CA SER A 52 -10.37 -8.24 1.10
CA SER A 52 -10.37 -8.23 1.10
C SER A 52 -10.99 -7.80 -0.24
N LEU A 53 -10.39 -6.85 -0.93
CA LEU A 53 -10.93 -6.50 -2.24
C LEU A 53 -9.99 -6.87 -3.39
N PHE A 54 -9.14 -7.87 -3.18
CA PHE A 54 -8.15 -8.20 -4.21
C PHE A 54 -8.81 -8.52 -5.57
N PHE A 55 -9.91 -9.25 -5.54
CA PHE A 55 -10.59 -9.67 -6.76
C PHE A 55 -11.00 -8.49 -7.63
N GLU A 56 -11.51 -7.44 -7.00
CA GLU A 56 -11.96 -6.27 -7.73
C GLU A 56 -10.79 -5.33 -8.09
N GLN A 57 -9.79 -5.29 -7.23
CA GLN A 57 -8.63 -4.43 -7.48
C GLN A 57 -7.84 -4.95 -8.66
N TYR A 58 -7.73 -6.27 -8.76
CA TYR A 58 -6.97 -6.89 -9.86
C TYR A 58 -7.66 -6.54 -11.18
N TYR A 59 -8.97 -6.75 -11.22
CA TYR A 59 -9.81 -6.35 -12.36
C TYR A 59 -9.61 -4.87 -12.68
N THR A 60 -9.68 -4.02 -11.67
CA THR A 60 -9.55 -2.58 -11.88
C THR A 60 -8.16 -2.23 -12.40
N LEU A 61 -7.14 -2.83 -11.80
CA LEU A 61 -5.77 -2.60 -12.25
C LEU A 61 -5.59 -2.90 -13.74
N LYS A 62 -6.15 -4.03 -14.20
CA LYS A 62 -6.06 -4.37 -15.61
C LYS A 62 -6.68 -3.29 -16.50
N HIS A 63 -7.76 -2.69 -16.04
CA HIS A 63 -8.38 -1.59 -16.76
C HIS A 63 -7.46 -0.35 -16.77
N LEU A 64 -6.87 -0.04 -15.62
CA LEU A 64 -5.91 1.08 -15.52
C LEU A 64 -4.75 0.91 -16.48
N ILE A 65 -4.23 -0.31 -16.55
CA ILE A 65 -3.10 -0.58 -17.43
C ILE A 65 -3.56 -0.49 -18.88
N GLN A 66 -4.66 -1.17 -19.21
CA GLN A 66 -5.22 -1.09 -20.56
C GLN A 66 -5.47 0.34 -20.98
N ASN A 67 -5.88 1.16 -20.01
CA ASN A 67 -6.17 2.57 -20.22
C ASN A 67 -4.95 3.45 -20.23
N GLN A 68 -3.78 2.87 -19.99
CA GLN A 68 -2.54 3.63 -19.91
C GLN A 68 -2.55 4.72 -18.85
N GLU A 69 -3.32 4.51 -17.78
CA GLU A 69 -3.29 5.42 -16.64
C GLU A 69 -2.09 5.13 -15.73
N TYR A 70 -1.78 3.84 -15.55
CA TYR A 70 -0.63 3.43 -14.77
C TYR A 70 0.07 2.25 -15.44
N GLU A 71 1.35 2.03 -15.11
CA GLU A 71 2.03 0.79 -15.44
C GLU A 71 2.55 0.20 -14.13
N THR A 72 2.76 -1.12 -14.08
CA THR A 72 3.38 -1.74 -12.93
C THR A 72 4.03 -3.05 -13.33
N GLU A 73 5.15 -3.37 -12.69
CA GLU A 73 5.83 -4.62 -12.97
C GLU A 73 5.23 -5.76 -12.12
N LEU A 74 5.07 -5.49 -10.83
CA LEU A 74 4.65 -6.49 -9.88
C LEU A 74 3.28 -6.17 -9.31
N ILE A 75 2.47 -7.20 -9.10
CA ILE A 75 1.19 -7.09 -8.44
C ILE A 75 1.24 -7.95 -7.19
N MET A 76 1.04 -7.33 -6.02
CA MET A 76 1.16 -8.05 -4.75
C MET A 76 -0.16 -8.07 -4.00
N CYS A 77 -0.51 -9.23 -3.44
CA CYS A 77 -1.56 -9.30 -2.44
C CYS A 77 -0.92 -9.25 -1.04
N SER A 78 -1.36 -8.33 -0.20
CA SER A 78 -0.72 -8.14 1.11
CA SER A 78 -0.72 -8.14 1.11
C SER A 78 -1.31 -9.07 2.16
N ASN A 79 -0.92 -10.35 2.08
CA ASN A 79 -1.44 -11.38 2.97
C ASN A 79 -0.45 -11.75 4.06
N TYR A 80 -0.93 -12.52 5.03
CA TYR A 80 -0.15 -12.81 6.24
C TYR A 80 -0.23 -14.27 6.66
N ASN A 81 -0.97 -15.08 5.92
CA ASN A 81 -1.29 -16.45 6.34
C ASN A 81 -1.95 -16.46 7.74
N GLN A 82 -3.02 -15.67 7.86
CA GLN A 82 -3.82 -15.65 9.08
C GLN A 82 -5.28 -15.84 8.68
N ALA A 83 -5.95 -16.84 9.24
CA ALA A 83 -7.34 -17.09 8.88
C ALA A 83 -8.21 -15.86 9.12
N HIS A 84 -7.96 -15.10 10.17
CA HIS A 84 -8.82 -13.94 10.43
C HIS A 84 -8.58 -12.76 9.47
N LEU A 85 -7.51 -12.83 8.68
CA LEU A 85 -7.16 -11.70 7.80
C LEU A 85 -7.43 -11.97 6.33
N GLU A 86 -7.66 -13.23 5.98
CA GLU A 86 -7.71 -13.58 4.57
C GLU A 86 -8.40 -14.95 4.38
N ASN A 87 -9.04 -15.09 3.23
CA ASN A 87 -9.75 -16.32 2.89
C ASN A 87 -8.74 -17.41 2.53
N GLU A 88 -8.91 -18.57 3.16
CA GLU A 88 -7.92 -19.65 3.02
C GLU A 88 -7.84 -20.21 1.59
N ASN A 89 -8.98 -20.43 0.95
CA ASN A 89 -8.98 -20.96 -0.41
C ASN A 89 -8.43 -19.92 -1.39
N PHE A 90 -8.76 -18.66 -1.14
CA PHE A 90 -8.19 -17.57 -1.92
C PHE A 90 -6.68 -17.70 -1.96
N VAL A 91 -6.06 -17.91 -0.81
CA VAL A 91 -4.60 -17.99 -0.73
C VAL A 91 -4.10 -19.30 -1.38
N LYS A 92 -4.81 -20.38 -1.14
CA LYS A 92 -4.35 -21.67 -1.67
C LYS A 92 -4.33 -21.69 -3.22
N THR A 93 -5.36 -21.15 -3.84
CA THR A 93 -5.49 -21.16 -5.31
C THR A 93 -4.94 -19.89 -6.01
N PHE A 94 -4.32 -19.00 -5.24
CA PHE A 94 -3.96 -17.68 -5.75
C PHE A 94 -3.25 -17.67 -7.10
N TYR A 95 -2.18 -18.46 -7.22
CA TYR A 95 -1.38 -18.41 -8.42
C TYR A 95 -2.10 -19.01 -9.63
N ASP A 96 -3.19 -19.72 -9.36
CA ASP A 96 -3.97 -20.28 -10.46
C ASP A 96 -5.06 -19.32 -10.95
N TYR A 97 -5.54 -18.44 -10.07
CA TYR A 97 -6.47 -17.37 -10.45
C TYR A 97 -5.78 -16.09 -10.94
N PHE A 98 -4.58 -15.82 -10.43
CA PHE A 98 -3.85 -14.61 -10.75
C PHE A 98 -2.39 -14.92 -11.08
N PRO A 99 -2.14 -15.55 -12.25
CA PRO A 99 -0.81 -16.13 -12.48
C PRO A 99 0.32 -15.11 -12.61
N ASP A 100 0.00 -13.84 -12.84
CA ASP A 100 1.04 -12.81 -12.97
C ASP A 100 1.17 -11.95 -11.72
N ALA A 101 0.57 -12.39 -10.61
CA ALA A 101 0.65 -11.67 -9.36
C ALA A 101 1.47 -12.47 -8.34
N HIS A 102 1.67 -11.89 -7.15
CA HIS A 102 2.35 -12.58 -6.08
C HIS A 102 1.60 -12.47 -4.76
N LEU A 103 1.69 -13.49 -3.93
CA LEU A 103 1.35 -13.33 -2.52
C LEU A 103 2.50 -12.60 -1.83
N GLY A 104 2.20 -11.47 -1.22
CA GLY A 104 3.25 -10.67 -0.57
C GLY A 104 3.91 -11.45 0.55
N TYR A 105 3.16 -12.34 1.17
CA TYR A 105 3.71 -13.13 2.26
C TYR A 105 4.88 -14.01 1.81
N ASP A 106 4.96 -14.33 0.52
CA ASP A 106 6.12 -15.09 0.00
C ASP A 106 7.39 -14.37 0.33
N PHE A 107 7.28 -13.04 0.45
CA PHE A 107 8.45 -12.21 0.72
C PHE A 107 8.52 -11.77 2.16
N PHE A 108 7.38 -11.36 2.71
CA PHE A 108 7.25 -10.94 4.09
C PHE A 108 7.80 -12.02 5.03
N LYS A 109 7.45 -13.28 4.80
CA LYS A 109 7.88 -14.34 5.70
C LYS A 109 9.40 -14.61 5.64
N GLN A 110 10.06 -14.09 4.61
CA GLN A 110 11.54 -14.17 4.59
C GLN A 110 12.18 -13.31 5.68
N LEU A 111 11.43 -12.37 6.23
CA LEU A 111 11.91 -11.60 7.37
C LEU A 111 11.38 -12.24 8.66
N LYS A 112 12.05 -13.30 9.10
CA LYS A 112 11.53 -14.08 10.22
C LYS A 112 11.26 -13.22 11.45
N ASP A 113 12.26 -12.44 11.84
CA ASP A 113 12.15 -11.61 13.04
C ASP A 113 10.95 -10.69 12.91
N PHE A 114 10.78 -10.07 11.73
CA PHE A 114 9.65 -9.16 11.58
C PHE A 114 8.32 -9.89 11.47
N ASN A 115 8.31 -11.04 10.81
CA ASN A 115 7.10 -11.87 10.81
C ASN A 115 6.71 -12.13 12.27
N ALA A 116 7.66 -12.58 13.09
CA ALA A 116 7.37 -12.86 14.50
C ALA A 116 6.87 -11.61 15.26
N TYR A 117 7.52 -10.48 14.99
CA TYR A 117 7.15 -9.21 15.60
C TYR A 117 5.69 -8.87 15.27
N PHE A 118 5.35 -8.94 13.98
CA PHE A 118 4.00 -8.64 13.52
C PHE A 118 2.96 -9.53 14.15
N LYS A 119 3.17 -10.84 14.05
CA LYS A 119 2.19 -11.82 14.52
C LYS A 119 1.89 -11.66 16.00
N PHE A 120 2.94 -11.51 16.80
CA PHE A 120 2.75 -11.36 18.25
C PHE A 120 1.90 -10.14 18.59
N HIS A 121 2.27 -8.98 18.03
CA HIS A 121 1.50 -7.76 18.23
C HIS A 121 0.06 -7.86 17.69
N GLU A 122 -0.10 -8.44 16.50
CA GLU A 122 -1.44 -8.58 15.92
C GLU A 122 -2.33 -9.54 16.75
N ILE A 123 -1.83 -10.75 16.95
CA ILE A 123 -2.63 -11.79 17.61
C ILE A 123 -2.95 -11.47 19.07
N TYR A 124 -1.94 -11.05 19.82
CA TYR A 124 -2.09 -10.95 21.27
C TYR A 124 -2.48 -9.54 21.74
N PHE A 125 -2.05 -8.52 21.00
CA PHE A 125 -2.32 -7.15 21.40
C PHE A 125 -3.19 -6.37 20.43
N ASN A 126 -3.60 -7.00 19.33
CA ASN A 126 -4.45 -6.33 18.36
C ASN A 126 -3.79 -5.05 17.87
N GLN A 127 -2.47 -5.08 17.73
CA GLN A 127 -1.72 -3.95 17.20
C GLN A 127 -1.24 -4.32 15.79
N ARG A 128 -1.87 -3.70 14.80
CA ARG A 128 -1.72 -4.09 13.40
C ARG A 128 -1.00 -3.00 12.61
N ILE A 129 0.14 -3.34 12.01
CA ILE A 129 0.84 -2.41 11.13
C ILE A 129 -0.06 -2.08 9.94
N THR A 130 0.20 -0.96 9.28
CA THR A 130 -0.59 -0.58 8.11
C THR A 130 0.10 -1.08 6.86
N SER A 131 -0.60 -0.98 5.72
CA SER A 131 -0.06 -1.40 4.42
C SER A 131 1.27 -0.79 4.09
N GLY A 132 1.45 0.48 4.45
CA GLY A 132 2.71 1.17 4.16
C GLY A 132 3.88 0.48 4.82
N VAL A 133 3.64 -0.01 6.04
CA VAL A 133 4.69 -0.72 6.76
C VAL A 133 4.90 -2.11 6.15
N TYR A 134 3.81 -2.75 5.76
CA TYR A 134 3.90 -4.04 5.05
C TYR A 134 4.73 -3.91 3.79
N MET A 135 4.54 -2.83 3.03
CA MET A 135 5.31 -2.62 1.79
C MET A 135 6.78 -2.45 2.08
N CYS A 136 7.08 -1.77 3.18
CA CYS A 136 8.47 -1.63 3.62
CA CYS A 136 8.45 -1.62 3.64
C CYS A 136 9.09 -3.00 3.85
N ALA A 137 8.40 -3.87 4.58
CA ALA A 137 8.92 -5.22 4.84
C ALA A 137 9.17 -5.97 3.53
N VAL A 138 8.23 -5.89 2.61
CA VAL A 138 8.40 -6.59 1.33
C VAL A 138 9.56 -5.99 0.54
N ALA A 139 9.70 -4.66 0.60
CA ALA A 139 10.83 -3.97 -0.03
C ALA A 139 12.18 -4.51 0.49
N ILE A 140 12.29 -4.60 1.80
CA ILE A 140 13.48 -5.15 2.44
C ILE A 140 13.76 -6.60 1.99
N ALA A 141 12.74 -7.44 1.96
CA ALA A 141 12.93 -8.82 1.52
C ALA A 141 13.38 -8.88 0.07
N LEU A 142 12.88 -7.96 -0.75
CA LEU A 142 13.30 -7.90 -2.15
C LEU A 142 14.72 -7.33 -2.33
N GLY A 143 15.35 -6.88 -1.25
CA GLY A 143 16.72 -6.40 -1.35
C GLY A 143 16.91 -4.89 -1.43
N TYR A 144 15.85 -4.10 -1.28
CA TYR A 144 16.00 -2.65 -1.23
C TYR A 144 16.72 -2.23 0.06
N LYS A 145 17.51 -1.16 -0.02
CA LYS A 145 18.37 -0.76 1.11
C LYS A 145 18.09 0.68 1.55
N GLU A 146 17.53 1.48 0.66
CA GLU A 146 17.19 2.86 0.98
C GLU A 146 15.74 3.10 0.65
N ILE A 147 14.96 3.43 1.68
CA ILE A 147 13.52 3.51 1.57
C ILE A 147 13.03 4.91 1.90
N TYR A 148 12.38 5.53 0.91
CA TYR A 148 11.86 6.88 1.02
C TYR A 148 10.35 6.82 1.20
N LEU A 149 9.88 7.36 2.31
CA LEU A 149 8.47 7.21 2.68
C LEU A 149 7.68 8.49 2.40
N SER A 150 6.43 8.33 1.98
CA SER A 150 5.52 9.44 1.81
C SER A 150 4.11 8.95 2.04
N GLY A 151 3.16 9.88 2.15
CA GLY A 151 1.76 9.50 2.32
C GLY A 151 1.48 8.66 3.58
N ILE A 152 2.39 8.71 4.55
CA ILE A 152 2.13 8.04 5.82
C ILE A 152 1.88 9.07 6.93
N ASP A 153 0.65 9.12 7.39
CA ASP A 153 0.22 10.19 8.27
C ASP A 153 -0.58 9.69 9.48
N PHE A 154 -0.70 8.37 9.63
CA PHE A 154 -1.27 7.76 10.81
C PHE A 154 -2.77 8.02 11.01
N TYR A 155 -3.49 8.26 9.91
CA TYR A 155 -4.93 8.47 9.99
C TYR A 155 -5.33 9.57 10.99
N GLN A 156 -4.68 10.73 10.93
CA GLN A 156 -5.05 11.81 11.88
C GLN A 156 -6.40 12.46 11.54
N ASN A 157 -7.25 12.63 12.55
CA ASN A 157 -8.54 13.30 12.35
C ASN A 157 -9.39 12.60 11.28
N GLY A 158 -9.62 11.30 11.48
CA GLY A 158 -10.35 10.49 10.51
C GLY A 158 -9.37 9.73 9.64
N SER A 159 -9.89 8.94 8.71
CA SER A 159 -9.02 8.22 7.80
C SER A 159 -8.36 9.19 6.82
N SER A 160 -9.05 10.28 6.52
CA SER A 160 -8.50 11.38 5.75
C SER A 160 -7.42 10.97 4.74
N TYR A 161 -7.83 10.27 3.69
CA TYR A 161 -6.92 9.94 2.61
C TYR A 161 -6.66 11.18 1.76
N ALA A 162 -5.69 11.08 0.86
CA ALA A 162 -5.31 12.19 -0.02
C ALA A 162 -6.29 12.38 -1.17
N PHE A 163 -7.42 11.69 -1.12
CA PHE A 163 -8.43 11.77 -2.16
C PHE A 163 -9.78 11.44 -1.56
N ASP A 164 -10.83 11.67 -2.34
CA ASP A 164 -12.18 11.36 -1.90
C ASP A 164 -12.46 9.86 -2.13
N THR A 165 -12.68 9.13 -1.04
CA THR A 165 -12.95 7.69 -1.12
C THR A 165 -14.45 7.36 -1.09
N LYS A 166 -15.27 8.37 -0.88
CA LYS A 166 -16.71 8.16 -0.88
C LYS A 166 -17.23 8.07 -2.32
N GLN A 167 -16.95 6.93 -2.95
CA GLN A 167 -17.35 6.67 -4.34
C GLN A 167 -18.32 5.50 -4.38
N LYS A 168 -19.33 5.57 -5.26
CA LYS A 168 -20.43 4.62 -5.25
C LYS A 168 -19.97 3.16 -5.17
N ASN A 169 -19.05 2.77 -6.05
CA ASN A 169 -18.64 1.37 -6.15
C ASN A 169 -17.86 0.90 -4.93
N LEU A 170 -16.94 1.72 -4.45
CA LEU A 170 -16.16 1.36 -3.28
C LEU A 170 -17.06 1.27 -2.05
N LEU A 171 -18.03 2.18 -1.94
CA LEU A 171 -18.98 2.19 -0.83
C LEU A 171 -19.85 0.94 -0.80
N LYS A 172 -20.20 0.45 -1.98
CA LYS A 172 -21.03 -0.75 -2.08
C LYS A 172 -20.20 -2.00 -1.74
N LEU A 173 -18.97 -2.06 -2.25
CA LEU A 173 -18.11 -3.20 -1.97
C LEU A 173 -17.67 -3.20 -0.51
N ALA A 174 -17.38 -2.01 0.01
CA ALA A 174 -16.81 -1.87 1.35
C ALA A 174 -17.47 -0.74 2.14
N PRO A 175 -18.66 -1.02 2.70
CA PRO A 175 -19.48 -0.05 3.42
C PRO A 175 -18.74 0.70 4.53
N ASN A 176 -17.61 0.17 5.00
CA ASN A 176 -16.84 0.86 6.04
C ASN A 176 -16.39 2.25 5.61
N PHE A 177 -16.32 2.47 4.30
CA PHE A 177 -15.89 3.78 3.77
C PHE A 177 -16.99 4.84 3.89
N LYS A 178 -18.21 4.41 4.19
CA LYS A 178 -19.32 5.34 4.39
C LYS A 178 -19.05 6.26 5.57
N ASN A 179 -18.31 5.78 6.57
CA ASN A 179 -18.02 6.60 7.75
C ASN A 179 -16.62 7.19 7.74
N ASP A 180 -16.45 8.28 8.48
CA ASP A 180 -15.23 9.08 8.44
C ASP A 180 -14.00 8.28 8.88
N ASN A 181 -14.24 7.35 9.80
CA ASN A 181 -13.18 6.47 10.25
C ASN A 181 -13.42 5.05 9.75
N SER A 182 -12.77 4.70 8.65
CA SER A 182 -13.10 3.46 7.95
C SER A 182 -12.02 2.39 8.10
N HIS A 183 -10.88 2.77 8.66
CA HIS A 183 -9.72 1.88 8.77
C HIS A 183 -9.76 1.02 10.05
N TYR A 184 -8.84 0.07 10.18
CA TYR A 184 -8.84 -0.80 11.33
C TYR A 184 -8.50 -0.05 12.63
N ILE A 185 -9.33 -0.27 13.64
CA ILE A 185 -9.14 0.37 14.92
C ILE A 185 -7.76 -0.02 15.49
N GLY A 186 -7.26 -1.19 15.11
CA GLY A 186 -5.99 -1.69 15.61
C GLY A 186 -4.73 -1.01 15.06
N HIS A 187 -4.90 -0.10 14.11
CA HIS A 187 -3.79 0.70 13.59
C HIS A 187 -3.51 1.85 14.56
N SER A 188 -2.26 2.30 14.60
CA SER A 188 -1.89 3.50 15.34
C SER A 188 -0.51 4.04 14.91
N LYS A 189 -0.24 5.28 15.31
CA LYS A 189 1.03 5.90 15.02
C LYS A 189 2.17 5.14 15.66
N ASN A 190 2.05 4.90 16.97
CA ASN A 190 3.09 4.19 17.68
C ASN A 190 3.37 2.82 17.07
N THR A 191 2.32 2.08 16.75
CA THR A 191 2.49 0.76 16.15
C THR A 191 3.28 0.83 14.84
N ASP A 192 2.91 1.77 13.96
CA ASP A 192 3.64 1.92 12.70
C ASP A 192 5.07 2.36 12.94
N ILE A 193 5.28 3.35 13.81
CA ILE A 193 6.63 3.84 14.10
C ILE A 193 7.54 2.79 14.72
N LYS A 194 7.05 2.09 15.73
CA LYS A 194 7.82 1.03 16.37
C LYS A 194 8.21 -0.06 15.36
N ALA A 195 7.29 -0.40 14.46
CA ALA A 195 7.54 -1.42 13.45
C ALA A 195 8.61 -0.97 12.46
N LEU A 196 8.48 0.27 11.99
CA LEU A 196 9.47 0.85 11.08
C LEU A 196 10.84 0.88 11.77
N GLU A 197 10.87 1.27 13.03
CA GLU A 197 12.14 1.31 13.74
C GLU A 197 12.73 -0.08 13.89
N PHE A 198 11.88 -1.06 14.18
CA PHE A 198 12.34 -2.46 14.25
C PHE A 198 12.99 -2.89 12.93
N LEU A 199 12.31 -2.61 11.82
CA LEU A 199 12.80 -2.99 10.50
C LEU A 199 14.15 -2.34 10.19
N GLU A 200 14.24 -1.03 10.40
CA GLU A 200 15.48 -0.32 10.11
C GLU A 200 16.65 -0.89 10.90
N LYS A 201 16.44 -1.08 12.20
CA LYS A 201 17.49 -1.61 13.06
C LYS A 201 17.80 -3.08 12.78
N THR A 202 16.77 -3.88 12.56
CA THR A 202 16.96 -5.32 12.39
C THR A 202 17.64 -5.67 11.07
N TYR A 203 17.20 -5.04 9.99
CA TYR A 203 17.74 -5.36 8.68
C TYR A 203 18.75 -4.34 8.13
N LYS A 204 19.15 -3.41 8.97
CA LYS A 204 20.21 -2.45 8.62
C LYS A 204 19.97 -1.82 7.26
N ILE A 205 18.78 -1.30 7.06
CA ILE A 205 18.46 -0.52 5.89
C ILE A 205 18.28 0.93 6.34
N LYS A 206 17.97 1.82 5.41
CA LYS A 206 17.85 3.23 5.74
C LYS A 206 16.47 3.74 5.36
N LEU A 207 15.82 4.43 6.29
CA LEU A 207 14.52 5.03 6.04
C LEU A 207 14.66 6.55 5.92
N TYR A 208 13.96 7.13 4.94
CA TYR A 208 13.92 8.57 4.79
C TYR A 208 12.48 9.05 4.68
N CYS A 209 12.28 10.32 5.00
CA CYS A 209 10.97 10.94 4.94
C CYS A 209 10.95 11.98 3.83
N LEU A 210 9.97 11.86 2.92
CA LEU A 210 9.90 12.76 1.77
C LEU A 210 9.00 13.97 2.02
N CYS A 211 8.27 13.95 3.14
CA CYS A 211 7.23 14.92 3.44
C CYS A 211 7.52 15.63 4.76
N PRO A 212 8.19 16.79 4.68
CA PRO A 212 8.65 17.49 5.87
C PRO A 212 7.53 17.99 6.79
N ASN A 213 6.33 18.17 6.26
CA ASN A 213 5.24 18.65 7.09
C ASN A 213 4.37 17.54 7.66
N SER A 214 4.74 16.29 7.38
CA SER A 214 4.01 15.15 7.93
C SER A 214 4.51 14.81 9.34
N LEU A 215 3.62 14.33 10.19
CA LEU A 215 4.02 13.89 11.52
C LEU A 215 5.09 12.82 11.43
N LEU A 216 5.22 12.19 10.28
CA LEU A 216 6.21 11.14 10.10
C LEU A 216 7.59 11.73 10.32
N ALA A 217 7.73 13.02 10.04
CA ALA A 217 9.03 13.68 10.07
C ALA A 217 9.54 13.89 11.49
N ASN A 218 8.67 13.67 12.48
CA ASN A 218 9.06 13.76 13.88
C ASN A 218 9.81 12.51 14.29
N PHE A 219 9.74 11.49 13.44
CA PHE A 219 10.30 10.18 13.78
C PHE A 219 11.37 9.71 12.81
N ILE A 220 11.21 10.07 11.53
CA ILE A 220 12.14 9.62 10.49
C ILE A 220 12.84 10.81 9.85
N GLY A 221 14.17 10.72 9.73
CA GLY A 221 14.97 11.80 9.19
C GLY A 221 14.57 12.11 7.76
N LEU A 222 14.75 13.37 7.35
CA LEU A 222 14.32 13.81 6.03
C LEU A 222 15.26 13.26 4.95
N ALA A 223 14.69 12.93 3.79
CA ALA A 223 15.51 12.64 2.63
C ALA A 223 16.34 13.90 2.34
N PRO A 224 17.61 13.73 1.97
CA PRO A 224 18.47 14.88 1.69
C PRO A 224 17.95 15.70 0.52
N ASN A 225 18.07 17.02 0.63
CA ASN A 225 17.79 17.90 -0.50
C ASN A 225 18.80 17.63 -1.61
N LEU A 226 18.31 17.39 -2.82
CA LEU A 226 19.18 17.14 -3.97
C LEU A 226 18.93 18.16 -5.08
N ASN A 227 17.98 19.06 -4.84
CA ASN A 227 17.56 20.01 -5.87
C ASN A 227 16.98 19.32 -7.09
N SER A 228 16.27 18.20 -6.86
CA SER A 228 15.63 17.46 -7.94
C SER A 228 14.43 18.21 -8.50
N ASN A 229 14.11 17.96 -9.77
CA ASN A 229 12.92 18.54 -10.39
C ASN A 229 11.80 17.52 -10.49
N PHE A 230 10.56 18.01 -10.54
CA PHE A 230 9.40 17.15 -10.75
C PHE A 230 8.22 18.00 -11.20
N ILE A 231 7.65 17.65 -12.35
CA ILE A 231 6.42 18.29 -12.80
C ILE A 231 5.28 17.32 -12.53
N ILE A 232 4.34 17.72 -11.68
CA ILE A 232 3.22 16.87 -11.37
C ILE A 232 2.25 16.86 -12.54
N GLN A 233 2.12 15.72 -13.21
CA GLN A 233 1.18 15.61 -14.31
C GLN A 233 -0.24 15.48 -13.78
N GLU A 234 -1.14 16.23 -14.38
CA GLU A 234 -2.53 16.25 -13.96
C GLU A 234 -3.24 15.01 -14.47
N LYS A 235 -4.38 14.70 -13.88
CA LYS A 235 -5.21 13.62 -14.38
C LYS A 235 -6.57 14.18 -14.74
N ASN A 236 -7.13 13.76 -15.87
CA ASN A 236 -8.52 14.06 -16.17
C ASN A 236 -9.21 12.86 -16.79
N ASN A 237 -10.52 12.80 -16.65
CA ASN A 237 -11.26 11.64 -17.12
C ASN A 237 -10.53 10.37 -16.70
N TYR A 238 -10.17 10.29 -15.42
CA TYR A 238 -9.44 9.15 -14.91
C TYR A 238 -10.32 8.22 -14.07
N THR A 239 -9.83 7.00 -13.85
CA THR A 239 -10.56 6.04 -13.03
C THR A 239 -10.38 6.42 -11.56
N LYS A 240 -11.49 6.80 -10.92
CA LYS A 240 -11.48 7.33 -9.57
C LYS A 240 -12.43 6.54 -8.65
N ASP A 241 -12.82 5.36 -9.10
CA ASP A 241 -13.65 4.45 -8.31
C ASP A 241 -13.23 3.04 -8.72
N ILE A 242 -13.40 2.09 -7.83
CA ILE A 242 -13.08 0.70 -8.13
C ILE A 242 -14.15 0.13 -9.07
N LEU A 243 -13.77 -0.82 -9.91
CA LEU A 243 -14.71 -1.44 -10.84
C LEU A 243 -15.27 -2.72 -10.24
N ILE A 244 -16.51 -3.04 -10.61
CA ILE A 244 -17.19 -4.21 -10.07
C ILE A 244 -17.35 -5.28 -11.14
N PRO A 245 -16.71 -6.43 -10.93
CA PRO A 245 -16.81 -7.54 -11.89
C PRO A 245 -18.24 -8.01 -12.09
N SER A 246 -18.51 -8.67 -13.21
CA SER A 246 -19.85 -9.18 -13.50
C SER A 246 -20.26 -10.24 -12.49
N SER A 247 -21.56 -10.52 -12.39
CA SER A 247 -22.04 -11.57 -11.51
C SER A 247 -21.54 -12.97 -11.95
N GLU A 248 -21.32 -13.18 -13.24
CA GLU A 248 -20.69 -14.42 -13.67
C GLU A 248 -19.26 -14.57 -13.13
N ALA A 249 -18.50 -13.47 -13.12
CA ALA A 249 -17.14 -13.49 -12.60
C ALA A 249 -17.15 -13.83 -11.10
N TYR A 250 -18.00 -13.16 -10.34
CA TYR A 250 -18.16 -13.47 -8.92
C TYR A 250 -18.50 -14.93 -8.68
N GLY A 251 -19.40 -15.48 -9.49
CA GLY A 251 -19.76 -16.90 -9.38
C GLY A 251 -18.55 -17.82 -9.53
N LYS A 252 -17.68 -17.52 -10.50
CA LYS A 252 -16.51 -18.36 -10.74
C LYS A 252 -15.52 -18.25 -9.58
N PHE A 253 -15.52 -17.10 -8.92
CA PHE A 253 -14.59 -16.85 -7.81
C PHE A 253 -15.20 -17.14 -6.44
N SER A 254 -16.46 -17.61 -6.41
CA SER A 254 -17.20 -17.65 -5.13
C SER A 254 -16.57 -18.50 -4.01
N LYS A 255 -15.78 -19.51 -4.37
CA LYS A 255 -15.07 -20.28 -3.34
C LYS A 255 -13.96 -19.48 -2.65
N ASN A 256 -13.59 -18.34 -3.23
CA ASN A 256 -12.42 -17.58 -2.80
C ASN A 256 -12.72 -16.26 -2.10
N ILE A 257 -13.98 -16.04 -1.74
CA ILE A 257 -14.34 -14.84 -0.99
C ILE A 257 -15.27 -15.14 0.20
N ASN A 258 -15.18 -14.32 1.24
CA ASN A 258 -15.98 -14.47 2.47
C ASN A 258 -15.39 -15.47 3.46
#